data_8EBK
#
_entry.id   8EBK
#
_cell.length_a   81.520
_cell.length_b   108.400
_cell.length_c   30.730
_cell.angle_alpha   90.000
_cell.angle_beta   90.000
_cell.angle_gamma   90.000
#
_symmetry.space_group_name_H-M   'C 2 2 21'
#
loop_
_entity.id
_entity.type
_entity.pdbx_description
1 polymer HDMX
2 polymer ACE-LEU-THR-PHE-0EH-GLU-TYR-TRP-ALA-GLN-LEU-MK8-SER-ALA-ALA
3 water water
#
loop_
_entity_poly.entity_id
_entity_poly.type
_entity_poly.pdbx_seq_one_letter_code
_entity_poly.pdbx_strand_id
1 'polypeptide(L)'
;MHHHHHHDDDDKRTTSFSTSAQCSTSDSACRILPGEGTQVHPRAPLLQILKVAGAQEEVFTVKEVMHYLGQYIMMKQLYD
KQRQHIVHCHDDPLGELLEVGSFSVKNPSPLYEMLKRNLVILATATTDAAQ
;
A
2 'polypeptide(L)' (WG0)(3V3)LTF(0EH)EYWAQL(MK8)SAA B
#
# COMPACT_ATOMS: atom_id res chain seq x y z
N GLY A 37 8.15 -5.55 -14.09
CA GLY A 37 9.57 -5.26 -14.07
C GLY A 37 9.89 -3.81 -14.38
N THR A 38 8.88 -3.07 -14.82
CA THR A 38 9.05 -1.67 -15.17
C THR A 38 9.37 -0.85 -13.92
N GLN A 39 10.21 0.16 -14.11
CA GLN A 39 10.55 1.09 -13.03
C GLN A 39 9.53 2.22 -12.99
N VAL A 40 9.20 2.66 -11.78
CA VAL A 40 8.22 3.71 -11.56
C VAL A 40 8.76 4.68 -10.53
N HIS A 41 8.30 5.93 -10.62
CA HIS A 41 8.64 6.95 -9.65
C HIS A 41 7.37 7.40 -8.94
N PRO A 42 7.26 7.21 -7.63
CA PRO A 42 6.05 7.64 -6.93
C PRO A 42 5.97 9.15 -6.82
N ARG A 43 4.76 9.68 -6.97
CA ARG A 43 4.52 11.08 -6.70
C ARG A 43 4.68 11.36 -5.21
N ALA A 44 4.90 12.63 -4.88
CA ALA A 44 5.34 13.02 -3.53
C ALA A 44 4.48 12.48 -2.40
N PRO A 45 3.14 12.56 -2.42
CA PRO A 45 2.36 12.05 -1.28
C PRO A 45 2.52 10.56 -1.08
N LEU A 46 2.63 9.81 -2.18
CA LEU A 46 2.88 8.38 -2.04
C LEU A 46 4.30 8.12 -1.57
N LEU A 47 5.28 8.85 -2.11
CA LEU A 47 6.65 8.66 -1.65
C LEU A 47 6.79 8.90 -0.16
N GLN A 48 6.05 9.87 0.38
CA GLN A 48 6.10 10.14 1.82
C GLN A 48 5.68 8.92 2.63
N ILE A 49 4.63 8.23 2.18
CA ILE A 49 4.18 7.02 2.87
C ILE A 49 5.25 5.94 2.79
N LEU A 50 5.84 5.75 1.60
CA LEU A 50 6.88 4.73 1.45
C LEU A 50 8.07 5.04 2.34
N LYS A 51 8.42 6.32 2.48
CA LYS A 51 9.53 6.73 3.34
C LYS A 51 9.29 6.37 4.80
N VAL A 52 8.06 6.58 5.29
CA VAL A 52 7.71 6.17 6.65
C VAL A 52 7.98 4.68 6.83
N ALA A 53 7.67 3.89 5.81
CA ALA A 53 7.86 2.45 5.83
C ALA A 53 9.30 2.03 5.66
N GLY A 54 10.23 2.98 5.50
CA GLY A 54 11.64 2.68 5.44
C GLY A 54 12.28 2.79 4.07
N ALA A 55 11.53 3.17 3.03
CA ALA A 55 12.09 3.23 1.69
C ALA A 55 13.04 4.41 1.56
N GLN A 56 14.26 4.15 1.10
CA GLN A 56 15.22 5.21 0.78
C GLN A 56 15.34 5.48 -0.71
N GLU A 57 14.79 4.62 -1.55
CA GLU A 57 14.90 4.78 -2.99
C GLU A 57 13.92 5.84 -3.49
N GLU A 58 14.15 6.28 -4.73
CA GLU A 58 13.20 7.14 -5.43
C GLU A 58 12.60 6.47 -6.65
N VAL A 59 13.17 5.35 -7.09
CA VAL A 59 12.67 4.56 -8.21
C VAL A 59 12.42 3.15 -7.72
N PHE A 60 11.27 2.59 -8.09
CA PHE A 60 10.82 1.31 -7.58
C PHE A 60 10.26 0.49 -8.73
N THR A 61 10.06 -0.80 -8.48
CA THR A 61 9.08 -1.55 -9.25
C THR A 61 7.73 -1.46 -8.55
N VAL A 62 6.67 -1.83 -9.26
CA VAL A 62 5.34 -1.83 -8.66
C VAL A 62 5.29 -2.76 -7.46
N LYS A 63 5.92 -3.95 -7.58
CA LYS A 63 5.96 -4.89 -6.47
C LYS A 63 6.64 -4.28 -5.25
N GLU A 64 7.73 -3.55 -5.46
CA GLU A 64 8.39 -2.91 -4.32
C GLU A 64 7.51 -1.85 -3.69
N VAL A 65 6.80 -1.06 -4.50
CA VAL A 65 5.84 -0.10 -3.95
C VAL A 65 4.81 -0.82 -3.09
N MET A 66 4.24 -1.90 -3.62
CA MET A 66 3.24 -2.64 -2.87
C MET A 66 3.84 -3.22 -1.59
N HIS A 67 5.09 -3.65 -1.65
CA HIS A 67 5.79 -4.15 -0.47
C HIS A 67 5.84 -3.10 0.64
N TYR A 68 6.29 -1.89 0.30
CA TYR A 68 6.39 -0.84 1.33
C TYR A 68 5.03 -0.38 1.82
N LEU A 69 3.99 -0.43 0.96
CA LEU A 69 2.64 -0.11 1.43
C LEU A 69 2.19 -1.10 2.49
N GLY A 70 2.46 -2.40 2.27
CA GLY A 70 2.13 -3.37 3.29
C GLY A 70 2.93 -3.17 4.57
N GLN A 71 4.20 -2.80 4.42
CA GLN A 71 5.02 -2.50 5.59
C GLN A 71 4.42 -1.34 6.39
N TYR A 72 3.98 -0.30 5.69
CA TYR A 72 3.37 0.85 6.34
C TYR A 72 2.12 0.44 7.12
N ILE A 73 1.22 -0.30 6.47
CA ILE A 73 -0.02 -0.71 7.12
C ILE A 73 0.29 -1.54 8.35
N MET A 74 1.27 -2.42 8.22
CA MET A 74 1.64 -3.28 9.34
C MET A 74 2.21 -2.46 10.49
N MET A 75 3.15 -1.55 10.20
N MET A 75 3.18 -1.58 10.20
CA MET A 75 3.80 -0.81 11.28
CA MET A 75 3.81 -0.81 11.27
C MET A 75 2.81 0.07 12.01
C MET A 75 2.79 0.05 12.01
N LYS A 76 1.86 0.67 11.29
CA LYS A 76 0.87 1.56 11.87
C LYS A 76 -0.34 0.80 12.39
N GLN A 77 -0.38 -0.52 12.22
CA GLN A 77 -1.47 -1.33 12.72
C GLN A 77 -2.83 -0.85 12.23
N LEU A 78 -2.89 -0.60 10.92
CA LEU A 78 -4.14 -0.13 10.31
C LEU A 78 -5.06 -1.28 9.96
N TYR A 79 -4.56 -2.51 9.95
CA TYR A 79 -5.43 -3.65 9.72
C TYR A 79 -6.39 -3.85 10.88
N ASP A 80 -7.57 -4.37 10.57
CA ASP A 80 -8.52 -4.76 11.60
C ASP A 80 -7.93 -5.89 12.44
N LYS A 81 -8.05 -5.79 13.75
CA LYS A 81 -7.36 -6.74 14.61
C LYS A 81 -7.98 -8.13 14.53
N GLN A 82 -9.29 -8.22 14.28
CA GLN A 82 -9.99 -9.50 14.25
C GLN A 82 -10.05 -10.09 12.86
N ARG A 83 -10.25 -9.27 11.82
CA ARG A 83 -10.40 -9.76 10.46
C ARG A 83 -9.31 -9.05 9.66
N GLN A 84 -8.13 -9.66 9.63
CA GLN A 84 -6.91 -8.92 9.29
C GLN A 84 -6.69 -8.71 7.80
N HIS A 85 -7.63 -9.16 6.96
CA HIS A 85 -7.60 -8.77 5.55
C HIS A 85 -8.30 -7.44 5.33
N ILE A 86 -8.91 -6.85 6.37
CA ILE A 86 -9.56 -5.55 6.26
C ILE A 86 -8.59 -4.51 6.80
N VAL A 87 -8.45 -3.40 6.08
CA VAL A 87 -7.56 -2.31 6.47
C VAL A 87 -8.42 -1.07 6.67
N HIS A 88 -8.30 -0.43 7.83
CA HIS A 88 -9.03 0.80 8.15
C HIS A 88 -8.05 1.96 7.98
N CYS A 89 -8.18 2.70 6.88
CA CYS A 89 -7.24 3.76 6.54
C CYS A 89 -7.82 5.15 6.68
N HIS A 90 -9.05 5.27 7.17
CA HIS A 90 -9.61 6.57 7.43
C HIS A 90 -8.80 7.27 8.51
N ASP A 91 -8.74 8.59 8.42
CA ASP A 91 -8.01 9.42 9.37
C ASP A 91 -6.51 9.16 9.33
N ASP A 92 -5.99 8.65 8.23
CA ASP A 92 -4.57 8.41 8.02
C ASP A 92 -4.21 8.93 6.64
N PRO A 93 -2.97 9.41 6.47
CA PRO A 93 -2.56 9.86 5.13
C PRO A 93 -2.77 8.83 4.03
N LEU A 94 -2.69 7.54 4.35
CA LEU A 94 -2.94 6.52 3.34
C LEU A 94 -4.37 6.59 2.82
N GLY A 95 -5.34 6.84 3.73
CA GLY A 95 -6.73 6.97 3.31
C GLY A 95 -6.95 8.16 2.39
N GLU A 96 -6.18 9.24 2.59
CA GLU A 96 -6.29 10.39 1.70
C GLU A 96 -5.91 10.03 0.28
N LEU A 97 -4.89 9.19 0.12
CA LEU A 97 -4.47 8.76 -1.21
C LEU A 97 -5.43 7.73 -1.78
N LEU A 98 -5.89 6.80 -0.95
CA LEU A 98 -6.79 5.76 -1.44
C LEU A 98 -8.20 6.25 -1.68
N GLU A 99 -8.60 7.33 -1.00
CA GLU A 99 -9.93 7.93 -1.16
C GLU A 99 -11.04 7.03 -0.65
N VAL A 100 -10.71 6.07 0.21
CA VAL A 100 -11.68 5.19 0.87
C VAL A 100 -11.33 5.13 2.35
N GLY A 101 -12.34 4.85 3.18
CA GLY A 101 -12.10 4.71 4.61
C GLY A 101 -11.58 3.34 5.02
N SER A 102 -11.88 2.32 4.25
N SER A 102 -11.90 2.31 4.26
CA SER A 102 -11.38 0.98 4.51
CA SER A 102 -11.45 0.95 4.53
C SER A 102 -11.34 0.24 3.19
C SER A 102 -11.41 0.20 3.22
N PHE A 103 -10.57 -0.84 3.14
CA PHE A 103 -10.55 -1.71 1.98
C PHE A 103 -10.21 -3.12 2.42
N SER A 104 -10.41 -4.07 1.52
CA SER A 104 -10.06 -5.45 1.73
C SER A 104 -8.82 -5.79 0.90
N VAL A 105 -7.85 -6.45 1.52
CA VAL A 105 -6.69 -6.94 0.78
C VAL A 105 -7.10 -7.84 -0.37
N LYS A 106 -8.26 -8.49 -0.26
CA LYS A 106 -8.77 -9.37 -1.31
C LYS A 106 -9.60 -8.64 -2.36
N ASN A 107 -9.75 -7.32 -2.24
CA ASN A 107 -10.44 -6.50 -3.23
C ASN A 107 -9.56 -5.28 -3.46
N PRO A 108 -8.38 -5.48 -4.06
CA PRO A 108 -7.33 -4.44 -4.04
C PRO A 108 -7.50 -3.33 -5.07
N SER A 109 -8.58 -3.27 -5.83
CA SER A 109 -8.67 -2.24 -6.85
C SER A 109 -8.48 -0.80 -6.33
N PRO A 110 -8.96 -0.38 -5.15
CA PRO A 110 -8.64 0.99 -4.71
C PRO A 110 -7.16 1.24 -4.62
N LEU A 111 -6.38 0.23 -4.21
CA LEU A 111 -4.93 0.37 -4.17
C LEU A 111 -4.39 0.60 -5.56
N TYR A 112 -4.81 -0.23 -6.51
CA TYR A 112 -4.28 -0.15 -7.86
C TYR A 112 -4.68 1.17 -8.53
N GLU A 113 -5.91 1.62 -8.28
CA GLU A 113 -6.34 2.90 -8.84
C GLU A 113 -5.50 4.04 -8.26
N MET A 114 -5.19 3.96 -6.96
CA MET A 114 -4.31 4.95 -6.36
C MET A 114 -2.93 4.91 -7.00
N LEU A 115 -2.42 3.71 -7.26
CA LEU A 115 -1.12 3.59 -7.91
C LEU A 115 -1.12 4.21 -9.30
N LYS A 116 -2.19 4.04 -10.08
CA LYS A 116 -2.22 4.69 -11.39
C LYS A 116 -2.15 6.19 -11.26
N ARG A 117 -2.81 6.78 -10.26
CA ARG A 117 -2.74 8.22 -10.05
C ARG A 117 -1.40 8.67 -9.51
N ASN A 118 -0.63 7.79 -8.86
CA ASN A 118 0.53 8.22 -8.07
C ASN A 118 1.85 7.63 -8.52
N LEU A 119 1.89 6.96 -9.67
CA LEU A 119 3.16 6.42 -10.18
C LEU A 119 3.43 7.01 -11.56
N VAL A 120 4.64 7.53 -11.74
CA VAL A 120 5.14 7.94 -13.05
C VAL A 120 5.88 6.76 -13.65
N ILE A 121 5.46 6.33 -14.84
CA ILE A 121 6.11 5.20 -15.50
C ILE A 121 7.39 5.68 -16.16
N LEU A 122 8.50 5.00 -15.84
CA LEU A 122 9.81 5.36 -16.39
C LEU A 122 10.23 4.37 -17.46
N LEU B 3 -6.18 -15.44 8.65
CA LEU B 3 -4.73 -15.30 8.59
C LEU B 3 -4.27 -13.99 9.19
N THR B 4 -2.95 -13.81 9.35
CA THR B 4 -2.45 -12.52 9.79
C THR B 4 -2.41 -11.53 8.62
N PHE B 5 -2.36 -10.24 8.96
CA PHE B 5 -2.26 -9.22 7.92
C PHE B 5 -1.03 -9.51 7.03
N GLU B 7 0.30 -12.28 6.32
CA GLU B 7 0.08 -13.34 5.36
C GLU B 7 -0.82 -12.90 4.20
N TYR B 8 -1.87 -12.14 4.52
CA TYR B 8 -2.75 -11.66 3.45
C TYR B 8 -1.99 -10.75 2.50
N TRP B 9 -1.18 -9.83 3.04
CA TRP B 9 -0.49 -8.90 2.15
C TRP B 9 0.54 -9.62 1.30
N ALA B 10 1.22 -10.61 1.86
CA ALA B 10 2.20 -11.37 1.09
C ALA B 10 1.55 -12.07 -0.10
N GLN B 11 0.32 -12.56 0.08
N GLN B 11 0.32 -12.56 0.08
CA GLN B 11 -0.41 -13.16 -1.03
CA GLN B 11 -0.41 -13.16 -1.04
C GLN B 11 -0.68 -12.13 -2.12
C GLN B 11 -0.70 -12.13 -2.12
N LEU B 12 -1.10 -10.93 -1.71
CA LEU B 12 -1.38 -9.85 -2.66
C LEU B 12 -0.10 -9.41 -3.38
N SER B 14 2.60 -11.03 -4.04
N SER B 14 2.60 -11.03 -4.04
CA SER B 14 3.04 -12.03 -5.01
CA SER B 14 3.06 -12.01 -5.02
C SER B 14 2.38 -11.80 -6.36
C SER B 14 2.36 -11.83 -6.37
N ALA B 15 1.15 -11.28 -6.35
CA ALA B 15 0.43 -11.05 -7.59
C ALA B 15 0.96 -9.87 -8.39
N ALA B 16 1.70 -8.97 -7.76
CA ALA B 16 2.22 -7.78 -8.44
C ALA B 16 3.60 -8.03 -9.05
#